data_7YRP
#
_entry.id   7YRP
#
_cell.length_a   139.360
_cell.length_b   45.910
_cell.length_c   103.260
_cell.angle_alpha   90.000
_cell.angle_beta   103.590
_cell.angle_gamma   90.000
#
_symmetry.space_group_name_H-M   'C 1 2 1'
#
loop_
_entity.id
_entity.type
_entity.pdbx_description
1 polymer 'Metallo-beta-lactamase VIM-28'
2 non-polymer 'CITRATE ANION'
3 non-polymer 'ZINC ION'
4 non-polymer GLYCEROL
5 water water
#
_entity_poly.entity_id   1
_entity_poly.type   'polypeptide(L)'
_entity_poly.pdbx_seq_one_letter_code
;MSPLAHSGEPSGEYPTVNEIPVGEVRLYQIADGVWSHIATQSFDGAVYPSNGLIVRDGDELLLIDTAWGAKNTAALLAEI
EKQIGLPVTRAVSTHFHDDRVGGVDVLRAAGVATYASPSTRRLAEAEGNEIPTHSLEGLSSSGDAVRFGPVELFYPGAAH
STDNLVVYVPSANVLYGGCAVLELSRTSAGNVADADLAEWPTSVERIQKHYPEAEVVIPGHGLPGGLDLLQHTANVVKAH
KNRSVAE
;
_entity_poly.pdbx_strand_id   A,B
#
loop_
_chem_comp.id
_chem_comp.type
_chem_comp.name
_chem_comp.formula
FLC non-polymer 'CITRATE ANION' 'C6 H5 O7 -3'
GOL non-polymer GLYCEROL 'C3 H8 O3'
ZN non-polymer 'ZINC ION' 'Zn 2'
#
# COMPACT_ATOMS: atom_id res chain seq x y z
N GLU A 13 8.39 19.29 -5.00
CA GLU A 13 6.99 19.48 -4.56
C GLU A 13 6.05 18.68 -5.45
N TYR A 14 6.49 17.46 -5.81
CA TYR A 14 5.62 16.47 -6.43
C TYR A 14 4.54 16.06 -5.43
N PRO A 15 3.24 16.11 -5.80
CA PRO A 15 2.19 15.71 -4.85
C PRO A 15 2.27 14.22 -4.45
N THR A 16 2.04 13.96 -3.15
CA THR A 16 1.93 12.63 -2.56
C THR A 16 0.51 12.49 -2.00
N VAL A 17 0.14 11.31 -1.44
CA VAL A 17 -1.26 11.13 -1.04
C VAL A 17 -1.68 12.15 0.02
N ASN A 18 -0.77 12.55 0.94
CA ASN A 18 -1.19 13.41 2.04
C ASN A 18 -1.54 14.81 1.53
N GLU A 19 -1.13 15.16 0.29
CA GLU A 19 -1.47 16.44 -0.29
C GLU A 19 -2.72 16.39 -1.17
N ILE A 20 -3.31 15.21 -1.38
CA ILE A 20 -4.38 15.13 -2.36
C ILE A 20 -5.68 14.77 -1.63
N PRO A 21 -6.64 15.72 -1.49
CA PRO A 21 -7.93 15.43 -0.87
C PRO A 21 -8.65 14.29 -1.58
N VAL A 22 -9.47 13.54 -0.83
CA VAL A 22 -10.18 12.39 -1.40
C VAL A 22 -10.92 12.80 -2.68
N GLY A 23 -10.87 11.94 -3.71
CA GLY A 23 -11.56 12.15 -4.98
C GLY A 23 -11.02 13.33 -5.84
N GLU A 24 -9.86 13.88 -5.47
CA GLU A 24 -9.30 15.01 -6.22
C GLU A 24 -8.06 14.60 -7.02
N VAL A 25 -7.65 15.50 -7.92
CA VAL A 25 -6.54 15.26 -8.79
C VAL A 25 -5.67 16.50 -8.77
N ARG A 26 -4.36 16.29 -8.82
CA ARG A 26 -3.42 17.38 -9.02
C ARG A 26 -2.69 17.13 -10.35
N LEU A 27 -2.32 18.23 -11.02
CA LEU A 27 -1.46 18.18 -12.18
C LEU A 27 -0.10 18.69 -11.76
N TYR A 28 0.96 18.15 -12.37
CA TYR A 28 2.30 18.59 -12.14
C TYR A 28 2.97 18.82 -13.49
N GLN A 29 3.58 20.00 -13.64
CA GLN A 29 4.27 20.35 -14.86
C GLN A 29 5.61 19.61 -14.91
N ILE A 30 5.77 18.75 -15.91
CA ILE A 30 6.98 17.97 -16.11
C ILE A 30 7.93 18.77 -17.01
N ALA A 31 7.39 19.35 -18.09
CA ALA A 31 8.17 20.03 -19.10
C ALA A 31 7.19 20.88 -19.88
N ASP A 32 7.67 21.64 -20.87
CA ASP A 32 6.73 22.40 -21.69
C ASP A 32 5.80 21.44 -22.44
N GLY A 33 4.50 21.65 -22.22
CA GLY A 33 3.45 20.86 -22.83
C GLY A 33 3.41 19.40 -22.33
N VAL A 34 4.01 19.11 -21.17
CA VAL A 34 3.95 17.78 -20.57
C VAL A 34 3.63 17.90 -19.09
N TRP A 35 2.53 17.28 -18.65
CA TRP A 35 2.11 17.28 -17.25
C TRP A 35 1.95 15.84 -16.79
N SER A 36 2.14 15.58 -15.49
CA SER A 36 1.60 14.34 -14.95
C SER A 36 0.30 14.67 -14.23
N HIS A 37 -0.52 13.64 -14.04
CA HIS A 37 -1.72 13.75 -13.22
C HIS A 37 -1.58 12.73 -12.11
N ILE A 38 -1.93 13.16 -10.89
CA ILE A 38 -1.82 12.34 -9.70
C ILE A 38 -3.18 12.30 -8.99
N ALA A 39 -3.63 11.08 -8.67
CA ALA A 39 -4.83 10.87 -7.88
C ALA A 39 -4.56 9.75 -6.89
N THR A 40 -5.50 9.50 -5.97
CA THR A 40 -5.31 8.45 -4.98
C THR A 40 -6.53 7.55 -4.99
N GLN A 41 -6.27 6.29 -4.63
CA GLN A 41 -7.28 5.25 -4.55
C GLN A 41 -6.89 4.21 -3.49
N SER A 42 -7.91 3.58 -2.89
CA SER A 42 -7.74 2.45 -1.99
C SER A 42 -7.41 1.19 -2.78
N PHE A 43 -6.43 0.45 -2.29
CA PHE A 43 -6.06 -0.81 -2.90
C PHE A 43 -5.34 -1.64 -1.84
N ASP A 44 -5.80 -2.88 -1.65
CA ASP A 44 -5.17 -3.85 -0.75
C ASP A 44 -4.83 -3.22 0.62
N GLY A 45 -5.79 -2.52 1.26
CA GLY A 45 -5.65 -2.10 2.65
C GLY A 45 -4.91 -0.76 2.84
N ALA A 46 -4.54 -0.11 1.74
CA ALA A 46 -3.79 1.13 1.78
C ALA A 46 -4.35 2.13 0.78
N VAL A 47 -3.86 3.37 0.85
CA VAL A 47 -4.19 4.39 -0.14
C VAL A 47 -2.96 4.66 -0.99
N TYR A 48 -3.09 4.40 -2.30
CA TYR A 48 -1.99 4.63 -3.23
C TYR A 48 -2.23 5.90 -4.05
N PRO A 49 -1.15 6.63 -4.42
CA PRO A 49 -1.24 7.61 -5.50
C PRO A 49 -1.01 6.82 -6.78
N SER A 50 -1.42 7.40 -7.91
CA SER A 50 -1.01 6.87 -9.18
CA SER A 50 -1.12 6.85 -9.21
C SER A 50 -0.87 8.01 -10.16
N ASN A 51 0.03 7.79 -11.15
CA ASN A 51 0.39 8.81 -12.13
C ASN A 51 -0.25 8.46 -13.48
N GLY A 52 -0.60 9.51 -14.21
CA GLY A 52 -0.88 9.47 -15.65
C GLY A 52 -0.12 10.64 -16.27
N LEU A 53 -0.29 10.80 -17.59
CA LEU A 53 0.41 11.83 -18.33
C LEU A 53 -0.60 12.62 -19.16
N ILE A 54 -0.26 13.89 -19.40
CA ILE A 54 -0.97 14.77 -20.33
C ILE A 54 0.09 15.41 -21.22
N VAL A 55 -0.11 15.29 -22.55
CA VAL A 55 0.82 15.85 -23.52
C VAL A 55 0.06 16.74 -24.50
N ARG A 56 0.54 17.98 -24.68
CA ARG A 56 -0.02 18.85 -25.71
C ARG A 56 0.13 18.17 -27.08
N ASP A 57 -0.99 18.09 -27.79
CA ASP A 57 -1.06 17.48 -29.12
C ASP A 57 -1.66 18.51 -30.08
N GLY A 58 -0.81 19.42 -30.55
CA GLY A 58 -1.28 20.53 -31.35
C GLY A 58 -2.16 21.45 -30.50
N ASP A 59 -3.44 21.56 -30.89
CA ASP A 59 -4.43 22.36 -30.21
C ASP A 59 -5.30 21.51 -29.28
N GLU A 60 -4.89 20.23 -29.12
CA GLU A 60 -5.59 19.24 -28.32
C GLU A 60 -4.65 18.70 -27.24
N LEU A 61 -5.20 17.85 -26.37
CA LEU A 61 -4.41 17.11 -25.38
C LEU A 61 -4.57 15.61 -25.59
N LEU A 62 -3.42 14.93 -25.55
CA LEU A 62 -3.33 13.48 -25.42
C LEU A 62 -3.20 13.10 -23.94
N LEU A 63 -4.15 12.26 -23.51
CA LEU A 63 -4.18 11.72 -22.17
C LEU A 63 -3.55 10.32 -22.20
N ILE A 64 -2.65 10.06 -21.24
CA ILE A 64 -2.16 8.71 -20.96
C ILE A 64 -2.69 8.25 -19.60
N ASP A 65 -3.59 7.25 -19.65
CA ASP A 65 -4.16 6.59 -18.48
C ASP A 65 -5.21 7.47 -17.79
N THR A 66 -6.21 6.76 -17.24
CA THR A 66 -7.19 7.32 -16.34
C THR A 66 -6.53 7.64 -15.00
N ALA A 67 -7.32 8.28 -14.11
CA ALA A 67 -6.88 8.66 -12.78
C ALA A 67 -7.39 7.65 -11.76
N TRP A 68 -7.66 6.41 -12.20
CA TRP A 68 -7.97 5.29 -11.32
C TRP A 68 -9.36 5.42 -10.69
N GLY A 69 -10.38 5.16 -11.52
CA GLY A 69 -11.77 5.18 -11.12
C GLY A 69 -12.52 6.37 -11.73
N ALA A 70 -13.86 6.23 -11.78
CA ALA A 70 -14.74 7.15 -12.48
C ALA A 70 -14.68 8.54 -11.83
N LYS A 71 -14.78 8.57 -10.50
CA LYS A 71 -14.74 9.78 -9.70
C LYS A 71 -13.46 10.57 -9.94
N ASN A 72 -12.30 9.88 -9.83
CA ASN A 72 -11.02 10.55 -10.01
C ASN A 72 -10.89 11.05 -11.44
N THR A 73 -11.39 10.26 -12.40
CA THR A 73 -11.22 10.61 -13.80
C THR A 73 -12.10 11.82 -14.16
N ALA A 74 -13.30 11.92 -13.57
CA ALA A 74 -14.12 13.12 -13.70
C ALA A 74 -13.35 14.35 -13.16
N ALA A 75 -12.72 14.22 -11.97
CA ALA A 75 -11.97 15.31 -11.36
C ALA A 75 -10.79 15.69 -12.24
N LEU A 76 -10.18 14.67 -12.86
CA LEU A 76 -9.06 14.91 -13.78
C LEU A 76 -9.47 15.82 -14.94
N LEU A 77 -10.61 15.49 -15.60
CA LEU A 77 -11.10 16.30 -16.72
C LEU A 77 -11.41 17.73 -16.29
N ALA A 78 -11.98 17.92 -15.09
CA ALA A 78 -12.30 19.26 -14.61
C ALA A 78 -11.00 20.03 -14.33
N GLU A 79 -9.98 19.36 -13.78
CA GLU A 79 -8.70 19.99 -13.44
C GLU A 79 -7.95 20.40 -14.72
N ILE A 80 -7.93 19.51 -15.73
CA ILE A 80 -7.37 19.85 -17.02
C ILE A 80 -8.05 21.09 -17.60
N GLU A 81 -9.39 21.15 -17.60
CA GLU A 81 -10.09 22.27 -18.22
C GLU A 81 -9.75 23.57 -17.48
N LYS A 82 -9.68 23.50 -16.15
CA LYS A 82 -9.35 24.64 -15.30
C LYS A 82 -7.90 25.11 -15.50
N GLN A 83 -6.93 24.19 -15.55
CA GLN A 83 -5.53 24.57 -15.60
C GLN A 83 -5.03 24.78 -17.02
N ILE A 84 -5.55 24.03 -18.02
CA ILE A 84 -4.88 24.00 -19.32
C ILE A 84 -5.83 24.56 -20.37
N GLY A 85 -7.05 24.04 -20.38
CA GLY A 85 -8.13 24.65 -21.15
C GLY A 85 -8.13 24.28 -22.62
N LEU A 86 -7.42 23.19 -22.98
CA LEU A 86 -7.49 22.64 -24.32
C LEU A 86 -8.28 21.34 -24.20
N PRO A 87 -8.96 20.88 -25.28
CA PRO A 87 -9.78 19.68 -25.17
C PRO A 87 -8.91 18.41 -25.17
N VAL A 88 -9.27 17.46 -24.32
CA VAL A 88 -8.71 16.10 -24.35
C VAL A 88 -9.48 15.32 -25.41
N THR A 89 -8.81 14.97 -26.51
CA THR A 89 -9.47 14.33 -27.63
C THR A 89 -9.14 12.85 -27.71
N ARG A 90 -7.99 12.42 -27.16
CA ARG A 90 -7.62 11.00 -27.20
C ARG A 90 -6.98 10.61 -25.88
N ALA A 91 -7.17 9.32 -25.50
CA ALA A 91 -6.58 8.71 -24.32
C ALA A 91 -6.07 7.32 -24.69
N VAL A 92 -4.89 7.00 -24.13
CA VAL A 92 -4.25 5.70 -24.24
C VAL A 92 -4.19 5.11 -22.84
N SER A 93 -4.68 3.86 -22.70
CA SER A 93 -4.49 3.07 -21.49
C SER A 93 -3.29 2.13 -21.66
N THR A 94 -2.36 2.14 -20.68
CA THR A 94 -1.05 1.50 -20.86
C THR A 94 -1.05 0.04 -20.36
N HIS A 95 -2.10 -0.37 -19.63
CA HIS A 95 -2.42 -1.78 -19.39
C HIS A 95 -3.86 -1.85 -18.87
N PHE A 96 -4.30 -3.08 -18.57
CA PHE A 96 -5.73 -3.40 -18.47
C PHE A 96 -6.26 -3.17 -17.06
N HIS A 97 -5.40 -2.87 -16.08
CA HIS A 97 -5.87 -2.70 -14.72
C HIS A 97 -6.64 -1.38 -14.55
N ASP A 98 -7.36 -1.26 -13.42
CA ASP A 98 -8.24 -0.15 -13.12
C ASP A 98 -7.51 1.19 -12.94
N ASP A 99 -6.21 1.21 -12.61
CA ASP A 99 -5.53 2.51 -12.50
C ASP A 99 -5.13 3.05 -13.86
N ARG A 100 -5.55 2.32 -14.92
CA ARG A 100 -5.21 2.67 -16.28
C ARG A 100 -6.47 2.76 -17.14
N VAL A 101 -7.46 1.86 -16.88
CA VAL A 101 -8.74 1.87 -17.62
C VAL A 101 -9.95 2.28 -16.78
N GLY A 102 -9.85 2.29 -15.44
CA GLY A 102 -11.00 2.65 -14.63
C GLY A 102 -11.25 4.15 -14.76
N GLY A 103 -12.40 4.51 -15.36
CA GLY A 103 -12.68 5.87 -15.81
C GLY A 103 -12.83 6.01 -17.33
N VAL A 104 -12.61 4.94 -18.10
CA VAL A 104 -12.78 4.97 -19.55
C VAL A 104 -14.20 5.38 -19.91
N ASP A 105 -15.23 4.90 -19.18
CA ASP A 105 -16.59 5.23 -19.54
C ASP A 105 -16.83 6.73 -19.37
N VAL A 106 -16.26 7.34 -18.32
CA VAL A 106 -16.36 8.78 -18.09
C VAL A 106 -15.69 9.51 -19.26
N LEU A 107 -14.48 9.08 -19.63
CA LEU A 107 -13.76 9.71 -20.73
C LEU A 107 -14.60 9.63 -22.01
N ARG A 108 -15.20 8.46 -22.27
CA ARG A 108 -16.01 8.30 -23.48
C ARG A 108 -17.23 9.24 -23.43
N ALA A 109 -17.92 9.34 -22.29
CA ALA A 109 -19.11 10.21 -22.16
C ALA A 109 -18.75 11.68 -22.37
N ALA A 110 -17.48 12.03 -22.04
CA ALA A 110 -16.98 13.38 -22.18
C ALA A 110 -16.59 13.69 -23.62
N GLY A 111 -16.56 12.68 -24.50
CA GLY A 111 -16.20 12.84 -25.91
C GLY A 111 -14.73 12.53 -26.21
N VAL A 112 -14.02 11.87 -25.28
CA VAL A 112 -12.65 11.42 -25.52
C VAL A 112 -12.66 10.07 -26.25
N ALA A 113 -11.85 9.98 -27.32
CA ALA A 113 -11.64 8.73 -28.04
C ALA A 113 -10.56 7.93 -27.30
N THR A 114 -10.94 6.71 -26.85
CA THR A 114 -10.09 5.87 -25.99
C THR A 114 -9.43 4.76 -26.79
N TYR A 115 -8.15 4.47 -26.42
CA TYR A 115 -7.29 3.59 -27.18
C TYR A 115 -6.56 2.66 -26.21
N ALA A 116 -6.32 1.44 -26.69
CA ALA A 116 -5.42 0.52 -26.03
C ALA A 116 -5.03 -0.56 -27.03
N SER A 117 -3.95 -1.32 -26.74
CA SER A 117 -3.54 -2.41 -27.60
C SER A 117 -4.66 -3.44 -27.63
N PRO A 118 -4.72 -4.27 -28.71
CA PRO A 118 -5.67 -5.39 -28.74
C PRO A 118 -5.57 -6.28 -27.49
N SER A 119 -4.36 -6.54 -27.00
CA SER A 119 -4.16 -7.36 -25.81
CA SER A 119 -4.16 -7.36 -25.80
C SER A 119 -4.78 -6.70 -24.58
N THR A 120 -4.52 -5.40 -24.38
CA THR A 120 -5.11 -4.68 -23.25
C THR A 120 -6.64 -4.76 -23.31
N ARG A 121 -7.22 -4.56 -24.50
CA ARG A 121 -8.66 -4.59 -24.67
C ARG A 121 -9.23 -5.97 -24.31
N ARG A 122 -8.59 -7.06 -24.78
CA ARG A 122 -9.03 -8.42 -24.48
C ARG A 122 -8.93 -8.75 -22.99
N LEU A 123 -7.78 -8.41 -22.37
CA LEU A 123 -7.60 -8.63 -20.94
C LEU A 123 -8.61 -7.80 -20.13
N ALA A 124 -8.83 -6.53 -20.49
CA ALA A 124 -9.77 -5.69 -19.75
C ALA A 124 -11.16 -6.35 -19.73
N GLU A 125 -11.61 -6.77 -20.91
CA GLU A 125 -12.91 -7.39 -21.06
C GLU A 125 -13.02 -8.65 -20.21
N ALA A 126 -12.00 -9.53 -20.25
CA ALA A 126 -11.98 -10.75 -19.47
C ALA A 126 -12.00 -10.44 -17.96
N GLU A 127 -11.40 -9.33 -17.53
CA GLU A 127 -11.31 -9.01 -16.11
C GLU A 127 -12.61 -8.34 -15.64
N GLY A 128 -13.47 -7.95 -16.58
CA GLY A 128 -14.64 -7.14 -16.26
C GLY A 128 -14.31 -5.67 -15.96
N ASN A 129 -13.16 -5.17 -16.45
CA ASN A 129 -12.79 -3.76 -16.36
C ASN A 129 -13.33 -3.04 -17.61
N GLU A 130 -13.32 -1.70 -17.59
CA GLU A 130 -13.79 -0.91 -18.72
C GLU A 130 -12.84 -1.12 -19.91
N ILE A 131 -13.41 -1.02 -21.13
CA ILE A 131 -12.73 -1.40 -22.37
C ILE A 131 -12.56 -0.17 -23.25
N PRO A 132 -11.31 0.31 -23.50
CA PRO A 132 -11.11 1.39 -24.48
C PRO A 132 -11.68 0.98 -25.85
N THR A 133 -12.22 1.97 -26.59
CA THR A 133 -12.93 1.75 -27.84
C THR A 133 -12.01 1.25 -28.94
N HIS A 134 -10.85 1.89 -29.12
CA HIS A 134 -10.07 1.73 -30.34
C HIS A 134 -8.81 0.91 -30.07
N SER A 135 -8.44 0.07 -31.05
CA SER A 135 -7.24 -0.78 -30.97
C SER A 135 -6.03 -0.05 -31.51
N LEU A 136 -4.90 -0.10 -30.78
CA LEU A 136 -3.61 0.41 -31.25
C LEU A 136 -2.85 -0.69 -31.98
N GLU A 137 -2.58 -0.47 -33.28
CA GLU A 137 -1.86 -1.40 -34.13
C GLU A 137 -0.34 -1.20 -34.01
N GLY A 138 0.44 -2.27 -34.25
CA GLY A 138 1.89 -2.16 -34.34
C GLY A 138 2.63 -2.28 -32.99
N LEU A 139 1.95 -2.83 -31.95
CA LEU A 139 2.57 -2.99 -30.63
C LEU A 139 2.49 -4.43 -30.13
N SER A 140 2.32 -5.40 -31.05
CA SER A 140 2.01 -6.78 -30.64
C SER A 140 3.26 -7.56 -30.20
N SER A 141 4.47 -7.12 -30.54
CA SER A 141 5.65 -7.91 -30.17
C SER A 141 6.66 -7.05 -29.41
N SER A 142 7.44 -7.69 -28.54
CA SER A 142 8.37 -7.00 -27.67
C SER A 142 9.36 -6.21 -28.53
N GLY A 143 9.56 -4.93 -28.17
CA GLY A 143 10.45 -4.04 -28.91
C GLY A 143 9.70 -3.17 -29.92
N ASP A 144 8.43 -3.46 -30.21
CA ASP A 144 7.64 -2.66 -31.13
C ASP A 144 7.44 -1.23 -30.59
N ALA A 145 7.56 -0.26 -31.50
CA ALA A 145 7.30 1.15 -31.19
C ALA A 145 6.46 1.75 -32.31
N VAL A 146 5.47 2.59 -31.92
CA VAL A 146 4.71 3.37 -32.88
C VAL A 146 4.63 4.82 -32.38
N ARG A 147 4.46 5.72 -33.35
CA ARG A 147 4.19 7.12 -33.08
C ARG A 147 2.68 7.32 -32.84
N PHE A 148 2.31 8.10 -31.83
CA PHE A 148 0.90 8.41 -31.61
C PHE A 148 0.84 9.91 -31.28
N GLY A 149 0.63 10.72 -32.31
CA GLY A 149 0.74 12.17 -32.17
C GLY A 149 2.10 12.56 -31.60
N PRO A 150 2.17 13.23 -30.42
CA PRO A 150 3.42 13.75 -29.88
C PRO A 150 4.26 12.83 -29.00
N VAL A 151 3.84 11.55 -28.96
CA VAL A 151 4.52 10.53 -28.19
C VAL A 151 4.87 9.34 -29.08
N GLU A 152 5.82 8.56 -28.54
CA GLU A 152 6.04 7.21 -29.00
C GLU A 152 5.47 6.25 -27.95
N LEU A 153 4.76 5.22 -28.44
CA LEU A 153 4.31 4.11 -27.62
C LEU A 153 5.28 2.95 -27.86
N PHE A 154 5.68 2.28 -26.78
CA PHE A 154 6.65 1.19 -26.88
C PHE A 154 6.12 0.01 -26.08
N TYR A 155 6.21 -1.18 -26.69
CA TYR A 155 5.88 -2.41 -25.99
C TYR A 155 7.18 -3.12 -25.61
N PRO A 156 7.62 -3.07 -24.32
CA PRO A 156 8.92 -3.60 -23.92
C PRO A 156 8.94 -5.12 -23.65
N GLY A 157 7.75 -5.75 -23.64
CA GLY A 157 7.61 -7.13 -23.19
C GLY A 157 6.86 -7.21 -21.85
N ALA A 158 6.53 -8.44 -21.42
CA ALA A 158 5.84 -8.67 -20.15
C ALA A 158 6.67 -8.16 -18.98
N ALA A 159 5.98 -7.53 -18.02
CA ALA A 159 6.65 -7.02 -16.83
C ALA A 159 5.63 -7.06 -15.67
N HIS A 160 5.11 -5.88 -15.29
CA HIS A 160 4.02 -5.78 -14.34
C HIS A 160 2.79 -6.53 -14.82
N SER A 161 2.57 -6.49 -16.14
CA SER A 161 1.51 -7.24 -16.79
C SER A 161 2.04 -7.65 -18.16
N THR A 162 1.32 -8.55 -18.85
CA THR A 162 1.82 -9.01 -20.15
C THR A 162 1.67 -7.93 -21.24
N ASP A 163 0.69 -7.02 -21.03
CA ASP A 163 0.27 -6.04 -22.02
C ASP A 163 0.92 -4.66 -21.82
N ASN A 164 1.73 -4.45 -20.77
CA ASN A 164 2.08 -3.10 -20.34
C ASN A 164 2.88 -2.36 -21.42
N LEU A 165 2.46 -1.11 -21.68
CA LEU A 165 3.15 -0.21 -22.60
C LEU A 165 3.84 0.88 -21.80
N VAL A 166 4.85 1.46 -22.45
CA VAL A 166 5.53 2.64 -21.93
C VAL A 166 5.37 3.74 -22.98
N VAL A 167 5.61 4.97 -22.56
CA VAL A 167 5.33 6.12 -23.41
C VAL A 167 6.51 7.09 -23.35
N TYR A 168 7.00 7.52 -24.51
CA TYR A 168 8.12 8.45 -24.51
C TYR A 168 7.70 9.76 -25.18
N VAL A 169 8.11 10.89 -24.61
CA VAL A 169 7.77 12.18 -25.19
C VAL A 169 9.06 12.79 -25.76
N PRO A 170 9.31 12.66 -27.08
CA PRO A 170 10.61 13.08 -27.64
C PRO A 170 11.00 14.54 -27.41
N SER A 171 10.02 15.46 -27.34
CA SER A 171 10.33 16.89 -27.25
C SER A 171 11.04 17.19 -25.93
N ALA A 172 10.75 16.42 -24.88
CA ALA A 172 11.23 16.73 -23.55
C ALA A 172 12.02 15.56 -22.97
N ASN A 173 12.26 14.51 -23.77
CA ASN A 173 12.92 13.30 -23.31
C ASN A 173 12.29 12.79 -22.01
N VAL A 174 10.96 12.69 -21.99
CA VAL A 174 10.22 12.19 -20.84
C VAL A 174 9.80 10.75 -21.12
N LEU A 175 10.27 9.83 -20.25
CA LEU A 175 9.84 8.45 -20.25
C LEU A 175 8.82 8.20 -19.12
N TYR A 176 7.62 7.82 -19.57
CA TYR A 176 6.55 7.39 -18.70
C TYR A 176 6.51 5.85 -18.72
N GLY A 177 6.84 5.25 -17.57
CA GLY A 177 7.04 3.80 -17.51
C GLY A 177 5.77 3.03 -17.16
N GLY A 178 4.71 3.74 -16.74
CA GLY A 178 3.56 3.07 -16.10
C GLY A 178 4.01 2.09 -15.00
N CYS A 179 3.21 1.04 -14.76
CA CYS A 179 3.46 0.23 -13.58
C CYS A 179 4.58 -0.78 -13.77
N ALA A 180 5.17 -0.83 -14.98
CA ALA A 180 6.40 -1.58 -15.23
C ALA A 180 7.60 -0.88 -14.59
N VAL A 181 7.45 0.40 -14.19
CA VAL A 181 8.51 1.13 -13.53
C VAL A 181 8.05 1.55 -12.12
N LEU A 182 8.91 1.21 -11.14
CA LEU A 182 8.75 1.41 -9.70
C LEU A 182 9.43 2.73 -9.29
N GLU A 183 8.86 3.47 -8.32
CA GLU A 183 9.57 4.62 -7.75
C GLU A 183 10.73 4.13 -6.89
N LEU A 184 11.73 5.00 -6.71
CA LEU A 184 12.94 4.67 -5.95
C LEU A 184 12.60 4.13 -4.56
N SER A 185 11.58 4.69 -3.90
CA SER A 185 11.29 4.32 -2.52
C SER A 185 10.56 2.98 -2.43
N ARG A 186 10.20 2.37 -3.57
CA ARG A 186 9.51 1.09 -3.54
C ARG A 186 10.48 0.02 -3.06
N THR A 187 9.89 -0.85 -2.23
CA THR A 187 10.57 -1.89 -1.46
C THR A 187 10.15 -3.24 -2.06
N SER A 188 8.92 -3.29 -2.59
CA SER A 188 8.37 -4.46 -3.26
C SER A 188 7.98 -4.06 -4.69
N ALA A 189 7.57 -5.06 -5.49
CA ALA A 189 7.12 -4.85 -6.85
C ALA A 189 5.63 -4.46 -6.90
N GLY A 190 5.00 -4.37 -5.71
CA GLY A 190 3.57 -4.13 -5.58
C GLY A 190 2.73 -5.35 -5.99
N ASN A 191 1.61 -5.09 -6.65
CA ASN A 191 0.73 -6.14 -7.15
C ASN A 191 1.40 -6.95 -8.26
N VAL A 192 1.80 -8.19 -7.95
CA VAL A 192 2.46 -9.04 -8.93
C VAL A 192 1.52 -10.10 -9.49
N ALA A 193 0.20 -9.99 -9.22
CA ALA A 193 -0.73 -11.07 -9.55
C ALA A 193 -0.77 -11.35 -11.06
N ASP A 194 -0.59 -10.32 -11.91
CA ASP A 194 -0.64 -10.49 -13.35
C ASP A 194 0.73 -10.27 -13.99
N ALA A 195 1.77 -10.19 -13.16
CA ALA A 195 3.14 -9.93 -13.57
C ALA A 195 3.84 -11.18 -14.10
N ASP A 196 4.83 -10.92 -14.98
CA ASP A 196 5.80 -11.91 -15.40
C ASP A 196 7.14 -11.59 -14.76
N LEU A 197 7.34 -12.08 -13.53
CA LEU A 197 8.52 -11.73 -12.75
C LEU A 197 9.79 -12.21 -13.43
N ALA A 198 9.74 -13.35 -14.13
CA ALA A 198 10.88 -13.86 -14.90
C ALA A 198 11.27 -12.88 -16.02
N GLU A 199 10.31 -12.38 -16.79
CA GLU A 199 10.60 -11.56 -17.97
C GLU A 199 10.83 -10.08 -17.62
N TRP A 200 10.30 -9.61 -16.47
CA TRP A 200 10.28 -8.19 -16.13
C TRP A 200 11.66 -7.52 -16.19
N PRO A 201 12.73 -8.04 -15.53
CA PRO A 201 14.07 -7.41 -15.66
C PRO A 201 14.58 -7.22 -17.10
N THR A 202 14.25 -8.18 -17.97
CA THR A 202 14.62 -8.13 -19.39
C THR A 202 13.79 -7.06 -20.14
N SER A 203 12.49 -6.98 -19.85
CA SER A 203 11.67 -5.93 -20.42
C SER A 203 12.22 -4.55 -19.99
N VAL A 204 12.62 -4.40 -18.74
CA VAL A 204 13.17 -3.13 -18.25
C VAL A 204 14.48 -2.80 -18.96
N GLU A 205 15.29 -3.83 -19.24
CA GLU A 205 16.53 -3.68 -19.99
C GLU A 205 16.23 -3.19 -21.39
N ARG A 206 15.15 -3.66 -22.04
CA ARG A 206 14.79 -3.16 -23.37
C ARG A 206 14.40 -1.68 -23.30
N ILE A 207 13.72 -1.27 -22.22
CA ILE A 207 13.42 0.16 -22.03
C ILE A 207 14.72 0.96 -21.91
N GLN A 208 15.63 0.52 -21.04
CA GLN A 208 16.92 1.19 -20.86
C GLN A 208 17.67 1.35 -22.18
N LYS A 209 17.75 0.27 -22.99
CA LYS A 209 18.48 0.33 -24.25
C LYS A 209 17.76 1.20 -25.26
N HIS A 210 16.42 1.25 -25.23
CA HIS A 210 15.69 1.98 -26.25
C HIS A 210 15.68 3.48 -25.96
N TYR A 211 15.72 3.89 -24.68
CA TYR A 211 15.60 5.29 -24.26
C TYR A 211 16.79 5.73 -23.42
N PRO A 212 18.04 5.62 -23.96
CA PRO A 212 19.23 6.02 -23.20
C PRO A 212 19.33 7.52 -22.92
N GLU A 213 18.58 8.36 -23.67
CA GLU A 213 18.61 9.82 -23.51
C GLU A 213 17.47 10.33 -22.61
N ALA A 214 16.67 9.43 -22.01
CA ALA A 214 15.60 9.83 -21.11
C ALA A 214 16.16 10.72 -20.01
N GLU A 215 15.50 11.86 -19.74
CA GLU A 215 15.92 12.74 -18.67
C GLU A 215 14.99 12.68 -17.45
N VAL A 216 13.69 12.46 -17.64
CA VAL A 216 12.74 12.28 -16.55
C VAL A 216 12.12 10.90 -16.77
N VAL A 217 12.00 10.12 -15.68
CA VAL A 217 11.32 8.83 -15.71
C VAL A 217 10.21 8.90 -14.67
N ILE A 218 8.99 8.62 -15.14
CA ILE A 218 7.79 8.71 -14.32
C ILE A 218 7.31 7.30 -14.07
N PRO A 219 7.26 6.86 -12.80
CA PRO A 219 6.73 5.54 -12.45
C PRO A 219 5.20 5.55 -12.49
N GLY A 220 4.61 4.35 -12.48
CA GLY A 220 3.16 4.21 -12.43
C GLY A 220 2.58 4.81 -11.15
N HIS A 221 3.34 4.69 -10.06
CA HIS A 221 2.98 5.21 -8.74
C HIS A 221 4.21 5.87 -8.13
N GLY A 222 4.02 7.13 -7.72
CA GLY A 222 5.00 7.85 -6.93
C GLY A 222 5.89 8.82 -7.72
N LEU A 223 7.04 9.13 -7.10
CA LEU A 223 7.87 10.25 -7.45
C LEU A 223 8.61 9.99 -8.77
N PRO A 224 8.57 10.95 -9.71
CA PRO A 224 9.47 10.93 -10.86
C PRO A 224 10.95 10.96 -10.44
N GLY A 225 11.82 10.44 -11.31
CA GLY A 225 13.25 10.58 -11.13
C GLY A 225 13.98 10.49 -12.46
N GLY A 226 15.12 9.81 -12.44
CA GLY A 226 15.95 9.64 -13.62
C GLY A 226 15.96 8.18 -14.04
N LEU A 227 16.92 7.83 -14.91
CA LEU A 227 17.11 6.48 -15.42
C LEU A 227 17.33 5.49 -14.27
N ASP A 228 17.81 5.99 -13.12
CA ASP A 228 18.00 5.19 -11.91
C ASP A 228 16.74 4.42 -11.52
N LEU A 229 15.53 4.92 -11.84
CA LEU A 229 14.30 4.19 -11.52
C LEU A 229 14.30 2.84 -12.24
N LEU A 230 14.87 2.80 -13.45
CA LEU A 230 14.82 1.60 -14.27
C LEU A 230 15.68 0.50 -13.61
N GLN A 231 16.90 0.86 -13.18
CA GLN A 231 17.82 -0.06 -12.50
C GLN A 231 17.23 -0.48 -11.16
N HIS A 232 16.71 0.49 -10.40
CA HIS A 232 16.05 0.19 -9.14
C HIS A 232 14.93 -0.82 -9.36
N THR A 233 14.14 -0.64 -10.43
CA THR A 233 13.05 -1.57 -10.73
C THR A 233 13.60 -2.98 -10.99
N ALA A 234 14.63 -3.08 -11.84
CA ALA A 234 15.24 -4.36 -12.15
C ALA A 234 15.73 -5.04 -10.86
N ASN A 235 16.44 -4.28 -10.00
CA ASN A 235 16.98 -4.79 -8.75
C ASN A 235 15.88 -5.33 -7.85
N VAL A 236 14.78 -4.59 -7.69
CA VAL A 236 13.71 -4.98 -6.77
C VAL A 236 13.08 -6.28 -7.27
N VAL A 237 12.89 -6.37 -8.60
CA VAL A 237 12.18 -7.49 -9.19
C VAL A 237 13.06 -8.75 -9.10
N LYS A 238 14.36 -8.61 -9.39
CA LYS A 238 15.34 -9.67 -9.16
C LYS A 238 15.24 -10.20 -7.73
N ALA A 239 15.27 -9.30 -6.73
CA ALA A 239 14.99 -9.66 -5.35
C ALA A 239 13.48 -9.90 -5.18
N GLU B 13 -18.24 2.50 11.35
CA GLU B 13 -17.44 3.75 11.23
C GLU B 13 -16.11 3.53 11.94
N TYR B 14 -15.48 2.39 11.64
CA TYR B 14 -14.10 2.17 12.00
C TYR B 14 -13.23 3.13 11.17
N PRO B 15 -12.31 3.90 11.79
CA PRO B 15 -11.50 4.86 11.04
C PRO B 15 -10.64 4.16 9.97
N THR B 16 -10.55 4.79 8.79
CA THR B 16 -9.68 4.35 7.69
C THR B 16 -8.72 5.50 7.39
N VAL B 17 -7.75 5.33 6.47
CA VAL B 17 -6.77 6.39 6.27
C VAL B 17 -7.41 7.71 5.84
N ASN B 18 -8.50 7.71 5.07
CA ASN B 18 -9.05 8.97 4.60
C ASN B 18 -9.72 9.76 5.73
N GLU B 19 -9.96 9.14 6.89
CA GLU B 19 -10.53 9.82 8.05
C GLU B 19 -9.46 10.26 9.05
N ILE B 20 -8.19 9.90 8.84
CA ILE B 20 -7.17 10.17 9.82
C ILE B 20 -6.21 11.21 9.23
N PRO B 21 -6.23 12.47 9.72
CA PRO B 21 -5.28 13.49 9.26
C PRO B 21 -3.83 13.13 9.58
N VAL B 22 -2.91 13.63 8.75
CA VAL B 22 -1.47 13.35 8.84
C VAL B 22 -0.99 13.46 10.29
N GLY B 23 -0.26 12.45 10.77
CA GLY B 23 0.32 12.48 12.11
C GLY B 23 -0.68 12.44 13.27
N GLU B 24 -1.97 12.13 13.02
CA GLU B 24 -2.95 12.03 14.10
C GLU B 24 -3.33 10.57 14.37
N VAL B 25 -4.05 10.36 15.49
CA VAL B 25 -4.48 9.06 15.95
C VAL B 25 -5.96 9.15 16.31
N ARG B 26 -6.68 8.05 16.02
CA ARG B 26 -8.07 7.90 16.43
C ARG B 26 -8.14 6.68 17.33
N LEU B 27 -9.00 6.75 18.37
CA LEU B 27 -9.30 5.58 19.19
C LEU B 27 -10.65 5.01 18.76
N TYR B 28 -10.81 3.69 18.80
CA TYR B 28 -12.09 3.09 18.52
C TYR B 28 -12.47 2.19 19.70
N GLN B 29 -13.67 2.40 20.25
CA GLN B 29 -14.12 1.59 21.37
C GLN B 29 -14.50 0.19 20.86
N ILE B 30 -13.76 -0.84 21.28
CA ILE B 30 -14.05 -2.21 20.87
C ILE B 30 -15.11 -2.81 21.81
N ALA B 31 -14.90 -2.61 23.12
CA ALA B 31 -15.74 -3.20 24.15
C ALA B 31 -15.50 -2.38 25.42
N ASP B 32 -16.17 -2.73 26.51
CA ASP B 32 -15.91 -2.02 27.77
C ASP B 32 -14.44 -2.22 28.16
N GLY B 33 -13.73 -1.10 28.28
CA GLY B 33 -12.33 -1.10 28.68
C GLY B 33 -11.36 -1.68 27.64
N VAL B 34 -11.78 -1.73 26.36
CA VAL B 34 -10.91 -2.19 25.27
C VAL B 34 -11.09 -1.25 24.09
N TRP B 35 -9.98 -0.64 23.65
CA TRP B 35 -9.99 0.22 22.48
C TRP B 35 -8.94 -0.27 21.50
N SER B 36 -9.15 0.02 20.21
CA SER B 36 -8.05 -0.02 19.25
C SER B 36 -7.58 1.41 19.04
N HIS B 37 -6.32 1.53 18.62
CA HIS B 37 -5.82 2.82 18.21
C HIS B 37 -5.44 2.69 16.74
N ILE B 38 -5.71 3.75 15.97
CA ILE B 38 -5.49 3.70 14.53
C ILE B 38 -4.69 4.93 14.13
N ALA B 39 -3.59 4.72 13.40
CA ALA B 39 -2.80 5.81 12.82
C ALA B 39 -2.39 5.41 11.42
N THR B 40 -1.73 6.34 10.70
CA THR B 40 -1.33 6.06 9.33
C THR B 40 0.16 6.36 9.15
N GLN B 41 0.79 5.64 8.21
CA GLN B 41 2.21 5.80 7.92
C GLN B 41 2.49 5.48 6.44
N SER B 42 3.52 6.15 5.89
CA SER B 42 4.02 5.87 4.55
C SER B 42 4.84 4.60 4.56
N PHE B 43 4.56 3.73 3.59
CA PHE B 43 5.25 2.47 3.47
C PHE B 43 5.06 1.95 2.03
N ASP B 44 6.20 1.60 1.40
CA ASP B 44 6.26 0.99 0.09
C ASP B 44 5.30 1.67 -0.90
N GLY B 45 5.39 3.01 -0.96
CA GLY B 45 4.71 3.80 -1.97
C GLY B 45 3.24 4.14 -1.72
N ALA B 46 2.74 3.86 -0.49
CA ALA B 46 1.35 4.10 -0.15
C ALA B 46 1.25 4.57 1.32
N VAL B 47 0.04 4.97 1.72
CA VAL B 47 -0.26 5.31 3.10
C VAL B 47 -1.14 4.18 3.66
N TYR B 48 -0.56 3.47 4.63
CA TYR B 48 -1.24 2.39 5.35
C TYR B 48 -1.78 2.87 6.68
N PRO B 49 -2.95 2.33 7.11
CA PRO B 49 -3.40 2.52 8.49
C PRO B 49 -2.73 1.40 9.27
N SER B 50 -2.62 1.55 10.61
CA SER B 50 -2.30 0.36 11.38
C SER B 50 -2.97 0.44 12.75
N ASN B 51 -3.18 -0.77 13.29
CA ASN B 51 -3.97 -0.96 14.50
C ASN B 51 -3.04 -1.24 15.67
N GLY B 52 -3.42 -0.71 16.84
CA GLY B 52 -2.92 -1.22 18.11
C GLY B 52 -4.08 -1.43 19.09
N LEU B 53 -3.76 -1.80 20.34
CA LEU B 53 -4.79 -2.08 21.34
C LEU B 53 -4.46 -1.34 22.64
N ILE B 54 -5.54 -0.92 23.34
CA ILE B 54 -5.49 -0.30 24.66
C ILE B 54 -6.47 -1.10 25.52
N VAL B 55 -6.00 -1.63 26.66
CA VAL B 55 -6.86 -2.38 27.58
C VAL B 55 -6.79 -1.77 28.98
N ARG B 56 -7.95 -1.45 29.59
CA ARG B 56 -7.98 -1.01 30.98
C ARG B 56 -7.35 -2.10 31.86
N ASP B 57 -6.38 -1.66 32.68
CA ASP B 57 -5.60 -2.53 33.56
C ASP B 57 -5.77 -1.97 34.98
N GLY B 58 -6.96 -2.18 35.54
CA GLY B 58 -7.29 -1.58 36.81
C GLY B 58 -7.46 -0.07 36.70
N ASP B 59 -6.56 0.67 37.37
CA ASP B 59 -6.58 2.12 37.32
C ASP B 59 -5.58 2.64 36.27
N GLU B 60 -4.92 1.71 35.56
CA GLU B 60 -3.94 2.02 34.53
C GLU B 60 -4.42 1.54 33.15
N LEU B 61 -3.62 1.81 32.10
CA LEU B 61 -3.84 1.27 30.76
C LEU B 61 -2.64 0.47 30.30
N LEU B 62 -2.92 -0.72 29.74
CA LEU B 62 -1.96 -1.53 29.02
C LEU B 62 -2.04 -1.17 27.53
N LEU B 63 -0.88 -0.87 26.91
CA LEU B 63 -0.83 -0.56 25.48
C LEU B 63 -0.27 -1.78 24.76
N ILE B 64 -0.89 -2.15 23.62
CA ILE B 64 -0.33 -3.14 22.71
C ILE B 64 0.05 -2.41 21.41
N ASP B 65 1.36 -2.28 21.20
CA ASP B 65 1.99 -1.78 19.99
C ASP B 65 1.98 -0.25 19.97
N THR B 66 3.03 0.27 19.33
CA THR B 66 3.14 1.69 19.03
C THR B 66 2.16 2.02 17.90
N ALA B 67 2.07 3.33 17.59
CA ALA B 67 1.25 3.84 16.50
C ALA B 67 2.08 4.06 15.23
N TRP B 68 3.21 3.35 15.11
CA TRP B 68 4.03 3.33 13.88
C TRP B 68 4.78 4.65 13.69
N GLY B 69 5.81 4.85 14.52
CA GLY B 69 6.67 6.02 14.47
C GLY B 69 6.52 6.92 15.70
N ALA B 70 7.53 7.78 15.90
CA ALA B 70 7.65 8.69 17.04
C ALA B 70 6.49 9.69 17.08
N LYS B 71 6.19 10.31 15.93
CA LYS B 71 5.21 11.37 15.86
C LYS B 71 3.81 10.81 16.17
N ASN B 72 3.50 9.65 15.55
CA ASN B 72 2.21 8.98 15.71
C ASN B 72 2.04 8.57 17.19
N THR B 73 3.11 8.00 17.77
CA THR B 73 3.07 7.47 19.12
C THR B 73 2.87 8.61 20.13
N ALA B 74 3.46 9.78 19.86
CA ALA B 74 3.24 10.98 20.67
C ALA B 74 1.77 11.42 20.60
N ALA B 75 1.19 11.43 19.38
CA ALA B 75 -0.22 11.77 19.16
C ALA B 75 -1.11 10.74 19.86
N LEU B 76 -0.67 9.48 19.86
CA LEU B 76 -1.41 8.42 20.54
C LEU B 76 -1.53 8.71 22.05
N LEU B 77 -0.39 9.03 22.70
CA LEU B 77 -0.42 9.32 24.14
C LEU B 77 -1.31 10.52 24.45
N ALA B 78 -1.27 11.57 23.62
CA ALA B 78 -2.11 12.74 23.82
C ALA B 78 -3.60 12.38 23.70
N GLU B 79 -3.93 11.54 22.71
CA GLU B 79 -5.31 11.18 22.41
C GLU B 79 -5.84 10.32 23.56
N ILE B 80 -5.02 9.39 24.07
CA ILE B 80 -5.37 8.56 25.21
C ILE B 80 -5.67 9.44 26.42
N GLU B 81 -4.77 10.40 26.71
CA GLU B 81 -4.92 11.29 27.85
C GLU B 81 -6.19 12.10 27.67
N LYS B 82 -6.45 12.56 26.43
CA LYS B 82 -7.64 13.35 26.16
C LYS B 82 -8.93 12.52 26.30
N GLN B 83 -8.94 11.27 25.81
CA GLN B 83 -10.18 10.52 25.67
C GLN B 83 -10.45 9.64 26.89
N ILE B 84 -9.41 9.11 27.53
CA ILE B 84 -9.58 8.09 28.57
C ILE B 84 -9.08 8.63 29.92
N GLY B 85 -7.88 9.22 29.93
CA GLY B 85 -7.43 9.99 31.08
C GLY B 85 -6.87 9.13 32.19
N LEU B 86 -6.48 7.88 31.87
CA LEU B 86 -5.78 7.02 32.81
C LEU B 86 -4.33 6.88 32.33
N PRO B 87 -3.33 6.68 33.22
CA PRO B 87 -1.95 6.57 32.78
C PRO B 87 -1.71 5.26 32.05
N VAL B 88 -0.98 5.36 30.93
CA VAL B 88 -0.42 4.21 30.25
C VAL B 88 0.85 3.81 30.99
N THR B 89 0.90 2.59 31.55
CA THR B 89 2.02 2.22 32.41
C THR B 89 2.88 1.12 31.79
N ARG B 90 2.29 0.28 30.92
CA ARG B 90 3.03 -0.76 30.24
C ARG B 90 2.62 -0.82 28.77
N ALA B 91 3.57 -1.23 27.92
CA ALA B 91 3.35 -1.45 26.50
C ALA B 91 4.03 -2.74 26.09
N VAL B 92 3.34 -3.49 25.21
CA VAL B 92 3.83 -4.73 24.63
C VAL B 92 3.87 -4.54 23.11
N SER B 93 5.06 -4.79 22.52
CA SER B 93 5.22 -4.83 21.07
C SER B 93 5.13 -6.27 20.61
N THR B 94 4.26 -6.55 19.60
CA THR B 94 3.91 -7.91 19.20
C THR B 94 4.84 -8.47 18.10
N HIS B 95 5.72 -7.62 17.55
CA HIS B 95 6.84 -8.06 16.72
C HIS B 95 7.79 -6.87 16.52
N PHE B 96 8.92 -7.12 15.85
CA PHE B 96 10.07 -6.23 15.87
C PHE B 96 9.98 -5.08 14.86
N HIS B 97 8.96 -5.09 13.98
CA HIS B 97 8.85 -4.09 12.94
C HIS B 97 8.45 -2.74 13.53
N ASP B 98 8.64 -1.68 12.73
CA ASP B 98 8.43 -0.30 13.17
C ASP B 98 6.95 0.01 13.44
N ASP B 99 6.00 -0.76 12.86
CA ASP B 99 4.60 -0.49 13.16
C ASP B 99 4.22 -1.02 14.55
N ARG B 100 5.16 -1.75 15.18
CA ARG B 100 5.00 -2.31 16.53
C ARG B 100 5.98 -1.70 17.54
N VAL B 101 7.24 -1.42 17.14
CA VAL B 101 8.25 -0.87 18.05
C VAL B 101 8.59 0.59 17.76
N GLY B 102 8.17 1.12 16.60
CA GLY B 102 8.53 2.49 16.24
C GLY B 102 7.74 3.48 17.09
N GLY B 103 8.44 4.21 18.00
CA GLY B 103 7.81 5.02 19.05
C GLY B 103 8.10 4.55 20.48
N VAL B 104 8.84 3.45 20.62
CA VAL B 104 9.23 2.92 21.93
C VAL B 104 10.03 3.97 22.72
N ASP B 105 10.87 4.76 22.06
CA ASP B 105 11.63 5.77 22.77
C ASP B 105 10.72 6.88 23.27
N VAL B 106 9.68 7.26 22.51
CA VAL B 106 8.70 8.22 22.99
C VAL B 106 7.97 7.65 24.22
N LEU B 107 7.59 6.35 24.17
CA LEU B 107 6.84 5.72 25.26
C LEU B 107 7.69 5.75 26.55
N ARG B 108 8.94 5.28 26.44
CA ARG B 108 9.92 5.30 27.52
C ARG B 108 10.09 6.72 28.05
N ALA B 109 10.25 7.73 27.20
CA ALA B 109 10.41 9.10 27.68
C ALA B 109 9.17 9.58 28.43
N ALA B 110 8.00 9.02 28.09
CA ALA B 110 6.72 9.43 28.65
C ALA B 110 6.48 8.76 30.01
N GLY B 111 7.29 7.74 30.33
CA GLY B 111 7.19 7.01 31.58
C GLY B 111 6.61 5.61 31.42
N VAL B 112 6.42 5.14 30.18
CA VAL B 112 5.82 3.83 29.92
C VAL B 112 6.93 2.77 29.98
N ALA B 113 6.65 1.65 30.67
CA ALA B 113 7.56 0.51 30.69
C ALA B 113 7.26 -0.38 29.50
N THR B 114 8.30 -0.70 28.72
CA THR B 114 8.14 -1.31 27.42
C THR B 114 8.63 -2.75 27.48
N TYR B 115 7.87 -3.64 26.84
CA TYR B 115 8.09 -5.09 26.88
C TYR B 115 7.99 -5.67 25.48
N ALA B 116 8.72 -6.77 25.27
CA ALA B 116 8.63 -7.62 24.09
C ALA B 116 9.28 -8.96 24.44
N SER B 117 8.99 -10.01 23.66
CA SER B 117 9.67 -11.30 23.81
C SER B 117 11.18 -11.10 23.58
N PRO B 118 12.07 -11.96 24.14
CA PRO B 118 13.51 -11.83 23.88
C PRO B 118 13.82 -11.90 22.39
N SER B 119 13.09 -12.75 21.66
CA SER B 119 13.21 -12.88 20.22
C SER B 119 12.93 -11.55 19.51
N THR B 120 11.85 -10.86 19.89
CA THR B 120 11.52 -9.58 19.30
C THR B 120 12.62 -8.55 19.57
N ARG B 121 13.17 -8.55 20.79
CA ARG B 121 14.18 -7.57 21.19
C ARG B 121 15.49 -7.79 20.42
N ARG B 122 15.87 -9.05 20.20
CA ARG B 122 17.07 -9.39 19.44
C ARG B 122 16.90 -9.04 17.96
N LEU B 123 15.74 -9.37 17.38
CA LEU B 123 15.43 -9.05 15.99
C LEU B 123 15.35 -7.54 15.77
N ALA B 124 14.82 -6.80 16.76
CA ALA B 124 14.68 -5.36 16.69
C ALA B 124 16.06 -4.69 16.68
N GLU B 125 16.93 -5.13 17.59
CA GLU B 125 18.29 -4.60 17.71
C GLU B 125 19.07 -4.82 16.41
N ALA B 126 18.95 -6.04 15.86
CA ALA B 126 19.62 -6.46 14.62
C ALA B 126 19.17 -5.61 13.44
N GLU B 127 17.89 -5.23 13.40
CA GLU B 127 17.30 -4.46 12.32
C GLU B 127 17.61 -2.97 12.49
N GLY B 128 18.16 -2.56 13.65
CA GLY B 128 18.31 -1.15 13.99
C GLY B 128 16.99 -0.46 14.30
N ASN B 129 16.00 -1.23 14.79
CA ASN B 129 14.74 -0.69 15.27
C ASN B 129 14.86 -0.44 16.77
N GLU B 130 13.96 0.39 17.32
CA GLU B 130 13.91 0.65 18.76
C GLU B 130 13.63 -0.65 19.52
N ILE B 131 14.17 -0.72 20.75
CA ILE B 131 14.23 -1.95 21.53
C ILE B 131 13.45 -1.76 22.83
N PRO B 132 12.29 -2.42 23.03
CA PRO B 132 11.62 -2.45 24.32
C PRO B 132 12.54 -2.93 25.46
N THR B 133 12.45 -2.27 26.63
CA THR B 133 13.33 -2.52 27.76
C THR B 133 13.26 -3.96 28.28
N HIS B 134 12.05 -4.46 28.57
CA HIS B 134 11.88 -5.64 29.40
C HIS B 134 11.53 -6.86 28.54
N SER B 135 12.05 -8.03 28.95
CA SER B 135 11.81 -9.28 28.24
C SER B 135 10.55 -9.97 28.78
N LEU B 136 9.79 -10.57 27.87
CA LEU B 136 8.60 -11.35 28.20
C LEU B 136 8.95 -12.83 28.11
N GLU B 137 9.05 -13.48 29.28
CA GLU B 137 9.38 -14.90 29.38
C GLU B 137 8.15 -15.75 29.08
N GLY B 138 8.40 -17.01 28.69
CA GLY B 138 7.37 -18.02 28.59
C GLY B 138 6.66 -18.06 27.24
N LEU B 139 7.31 -17.56 26.18
CA LEU B 139 6.65 -17.41 24.87
C LEU B 139 7.51 -17.98 23.73
N SER B 140 8.60 -18.69 24.04
CA SER B 140 9.63 -18.96 23.06
C SER B 140 9.30 -20.14 22.13
N SER B 141 8.24 -20.92 22.40
CA SER B 141 7.85 -21.95 21.44
C SER B 141 6.35 -21.93 21.16
N SER B 142 5.99 -22.26 19.91
CA SER B 142 4.63 -22.09 19.43
C SER B 142 3.64 -22.77 20.36
N GLY B 143 2.48 -22.14 20.57
CA GLY B 143 1.47 -22.64 21.49
C GLY B 143 1.59 -22.05 22.90
N ASP B 144 2.72 -21.40 23.24
CA ASP B 144 2.91 -20.85 24.58
C ASP B 144 1.98 -19.67 24.82
N ALA B 145 1.42 -19.59 26.05
CA ALA B 145 0.61 -18.47 26.50
C ALA B 145 1.06 -18.05 27.91
N VAL B 146 1.05 -16.73 28.16
CA VAL B 146 1.24 -16.19 29.49
C VAL B 146 0.17 -15.11 29.67
N ARG B 147 -0.23 -14.91 30.94
CA ARG B 147 -1.07 -13.80 31.34
C ARG B 147 -0.18 -12.56 31.44
N PHE B 148 -0.75 -11.38 31.14
CA PHE B 148 -0.05 -10.12 31.32
C PHE B 148 -1.08 -9.05 31.67
N GLY B 149 -1.30 -8.87 32.99
CA GLY B 149 -2.42 -8.07 33.46
C GLY B 149 -3.72 -8.56 32.86
N PRO B 150 -4.54 -7.69 32.20
CA PRO B 150 -5.87 -8.10 31.72
C PRO B 150 -5.90 -8.82 30.37
N VAL B 151 -4.74 -9.30 29.90
CA VAL B 151 -4.70 -9.99 28.61
C VAL B 151 -3.89 -11.27 28.76
N GLU B 152 -4.05 -12.13 27.73
CA GLU B 152 -3.18 -13.25 27.47
C GLU B 152 -2.36 -12.95 26.22
N LEU B 153 -1.04 -13.15 26.32
CA LEU B 153 -0.12 -13.15 25.18
C LEU B 153 0.06 -14.59 24.68
N PHE B 154 -0.01 -14.80 23.36
CA PHE B 154 0.07 -16.12 22.74
C PHE B 154 1.06 -16.07 21.57
N TYR B 155 2.03 -17.00 21.58
CA TYR B 155 2.94 -17.16 20.46
C TYR B 155 2.44 -18.30 19.57
N PRO B 156 1.87 -18.01 18.38
CA PRO B 156 1.29 -19.06 17.52
C PRO B 156 2.23 -19.79 16.58
N GLY B 157 3.52 -19.41 16.60
CA GLY B 157 4.49 -19.83 15.59
C GLY B 157 4.78 -18.74 14.56
N ALA B 158 5.76 -19.02 13.69
CA ALA B 158 6.17 -18.09 12.64
C ALA B 158 5.00 -17.85 11.68
N ALA B 159 4.87 -16.59 11.24
CA ALA B 159 3.81 -16.23 10.30
C ALA B 159 4.28 -15.01 9.50
N HIS B 160 3.72 -13.83 9.83
CA HIS B 160 4.17 -12.56 9.26
C HIS B 160 5.63 -12.33 9.59
N SER B 161 6.05 -12.87 10.75
CA SER B 161 7.45 -12.84 11.17
C SER B 161 7.68 -14.03 12.11
N THR B 162 8.93 -14.27 12.49
CA THR B 162 9.23 -15.43 13.32
C THR B 162 8.78 -15.18 14.77
N ASP B 163 8.68 -13.91 15.17
CA ASP B 163 8.50 -13.51 16.56
C ASP B 163 7.05 -13.10 16.88
N ASN B 164 6.15 -13.05 15.87
CA ASN B 164 4.88 -12.36 16.02
C ASN B 164 4.02 -13.00 17.13
N LEU B 165 3.47 -12.13 18.00
CA LEU B 165 2.57 -12.56 19.07
C LEU B 165 1.16 -12.10 18.73
N VAL B 166 0.17 -12.77 19.33
CA VAL B 166 -1.20 -12.30 19.32
C VAL B 166 -1.65 -12.10 20.77
N VAL B 167 -2.71 -11.33 20.95
CA VAL B 167 -3.15 -10.90 22.26
C VAL B 167 -4.65 -11.18 22.39
N TYR B 168 -5.05 -11.72 23.54
CA TYR B 168 -6.45 -12.04 23.80
C TYR B 168 -6.88 -11.31 25.06
N VAL B 169 -8.05 -10.67 24.98
CA VAL B 169 -8.70 -10.01 26.08
C VAL B 169 -9.86 -10.90 26.55
N PRO B 170 -9.66 -11.79 27.57
CA PRO B 170 -10.74 -12.67 28.06
C PRO B 170 -12.02 -11.93 28.48
N SER B 171 -11.93 -10.71 29.02
CA SER B 171 -13.13 -10.02 29.49
C SER B 171 -14.15 -9.82 28.36
N ALA B 172 -13.68 -9.67 27.10
CA ALA B 172 -14.58 -9.26 26.02
C ALA B 172 -14.43 -10.17 24.79
N ASN B 173 -13.66 -11.26 24.94
CA ASN B 173 -13.32 -12.18 23.87
C ASN B 173 -12.87 -11.42 22.61
N VAL B 174 -11.93 -10.48 22.80
CA VAL B 174 -11.29 -9.77 21.71
C VAL B 174 -9.95 -10.46 21.44
N LEU B 175 -9.76 -10.92 20.19
CA LEU B 175 -8.48 -11.43 19.73
C LEU B 175 -7.81 -10.36 18.86
N TYR B 176 -6.58 -9.99 19.24
CA TYR B 176 -5.77 -9.05 18.49
C TYR B 176 -4.68 -9.86 17.79
N GLY B 177 -4.80 -9.98 16.46
CA GLY B 177 -3.93 -10.85 15.68
C GLY B 177 -2.60 -10.20 15.29
N GLY B 178 -2.50 -8.87 15.38
CA GLY B 178 -1.36 -8.16 14.82
C GLY B 178 -1.21 -8.45 13.32
N CYS B 179 0.04 -8.44 12.83
CA CYS B 179 0.26 -8.52 11.39
C CYS B 179 0.16 -9.95 10.87
N ALA B 180 0.04 -10.93 11.79
CA ALA B 180 -0.21 -12.33 11.45
C ALA B 180 -1.66 -12.54 10.99
N VAL B 181 -2.51 -11.51 11.14
CA VAL B 181 -3.89 -11.58 10.72
C VAL B 181 -4.19 -10.42 9.79
N LEU B 182 -4.76 -10.77 8.62
CA LEU B 182 -5.10 -9.87 7.52
C LEU B 182 -6.57 -9.43 7.65
N GLU B 183 -6.90 -8.20 7.26
CA GLU B 183 -8.28 -7.80 7.15
C GLU B 183 -8.92 -8.47 5.92
N LEU B 184 -10.25 -8.50 5.89
CA LEU B 184 -11.01 -9.19 4.84
C LEU B 184 -10.59 -8.71 3.44
N SER B 185 -10.49 -7.38 3.30
CA SER B 185 -10.27 -6.78 1.99
C SER B 185 -8.81 -6.91 1.50
N ARG B 186 -7.92 -7.58 2.26
CA ARG B 186 -6.56 -7.78 1.78
C ARG B 186 -6.54 -8.88 0.71
N THR B 187 -5.91 -8.56 -0.42
CA THR B 187 -5.76 -9.46 -1.55
C THR B 187 -4.36 -10.08 -1.55
N SER B 188 -3.39 -9.49 -0.81
CA SER B 188 -2.09 -10.12 -0.56
C SER B 188 -1.81 -10.22 0.93
N ALA B 189 -0.68 -10.88 1.27
CA ALA B 189 -0.20 -11.00 2.64
C ALA B 189 0.55 -9.74 3.09
N GLY B 190 0.68 -8.75 2.20
CA GLY B 190 1.48 -7.55 2.45
C GLY B 190 2.98 -7.84 2.42
N ASN B 191 3.73 -7.12 3.27
CA ASN B 191 5.17 -7.31 3.40
C ASN B 191 5.49 -8.73 3.93
N VAL B 192 5.99 -9.60 3.03
CA VAL B 192 6.34 -10.98 3.36
C VAL B 192 7.86 -11.14 3.43
N ALA B 193 8.61 -10.03 3.43
CA ALA B 193 10.07 -10.10 3.46
C ALA B 193 10.58 -10.90 4.67
N ASP B 194 9.93 -10.78 5.83
CA ASP B 194 10.36 -11.45 7.06
C ASP B 194 9.42 -12.58 7.46
N ALA B 195 8.50 -12.95 6.53
CA ALA B 195 7.45 -13.91 6.80
C ALA B 195 7.99 -15.33 6.62
N ASP B 196 7.30 -16.31 7.23
CA ASP B 196 7.52 -17.72 6.94
C ASP B 196 6.20 -18.26 6.39
N LEU B 197 6.04 -18.19 5.05
CA LEU B 197 4.80 -18.52 4.36
C LEU B 197 4.47 -20.00 4.51
N ALA B 198 5.51 -20.84 4.61
CA ALA B 198 5.38 -22.26 4.89
C ALA B 198 4.70 -22.48 6.25
N GLU B 199 5.14 -21.74 7.28
CA GLU B 199 4.70 -21.96 8.66
C GLU B 199 3.39 -21.21 8.98
N TRP B 200 3.06 -20.17 8.20
CA TRP B 200 1.98 -19.24 8.49
C TRP B 200 0.61 -19.93 8.57
N PRO B 201 0.19 -20.81 7.61
CA PRO B 201 -1.09 -21.51 7.75
C PRO B 201 -1.24 -22.33 9.03
N THR B 202 -0.14 -22.98 9.46
CA THR B 202 -0.11 -23.78 10.69
C THR B 202 -0.28 -22.89 11.92
N SER B 203 0.43 -21.76 11.92
CA SER B 203 0.38 -20.80 13.02
C SER B 203 -1.02 -20.21 13.18
N VAL B 204 -1.69 -19.92 12.05
CA VAL B 204 -3.07 -19.43 12.07
C VAL B 204 -4.00 -20.52 12.61
N GLU B 205 -3.64 -21.80 12.37
CA GLU B 205 -4.44 -22.91 12.83
C GLU B 205 -4.34 -23.03 14.36
N ARG B 206 -3.16 -22.79 14.94
CA ARG B 206 -3.02 -22.74 16.40
C ARG B 206 -3.88 -21.64 17.00
N ILE B 207 -3.98 -20.49 16.31
CA ILE B 207 -4.78 -19.36 16.78
C ILE B 207 -6.26 -19.76 16.80
N GLN B 208 -6.76 -20.30 15.67
CA GLN B 208 -8.15 -20.73 15.55
C GLN B 208 -8.50 -21.75 16.65
N LYS B 209 -7.57 -22.68 16.93
CA LYS B 209 -7.78 -23.74 17.89
C LYS B 209 -7.68 -23.25 19.34
N HIS B 210 -6.88 -22.21 19.62
CA HIS B 210 -6.74 -21.71 20.99
C HIS B 210 -7.84 -20.72 21.32
N TYR B 211 -8.46 -20.08 20.30
CA TYR B 211 -9.40 -19.00 20.56
C TYR B 211 -10.69 -19.22 19.77
N PRO B 212 -11.43 -20.34 20.01
CA PRO B 212 -12.72 -20.58 19.37
C PRO B 212 -13.85 -19.63 19.78
N GLU B 213 -13.68 -18.95 20.92
CA GLU B 213 -14.72 -18.15 21.55
C GLU B 213 -14.59 -16.67 21.13
N ALA B 214 -13.58 -16.34 20.31
CA ALA B 214 -13.33 -14.95 19.95
C ALA B 214 -14.53 -14.37 19.22
N GLU B 215 -14.96 -13.17 19.62
CA GLU B 215 -16.07 -12.47 18.98
C GLU B 215 -15.60 -11.34 18.07
N VAL B 216 -14.50 -10.69 18.43
CA VAL B 216 -13.87 -9.68 17.58
C VAL B 216 -12.44 -10.16 17.29
N VAL B 217 -12.03 -10.01 16.01
CA VAL B 217 -10.67 -10.23 15.60
C VAL B 217 -10.19 -8.94 14.94
N ILE B 218 -9.05 -8.43 15.45
CA ILE B 218 -8.49 -7.16 15.00
C ILE B 218 -7.23 -7.51 14.23
N PRO B 219 -7.13 -7.15 12.92
CA PRO B 219 -5.91 -7.40 12.15
C PRO B 219 -4.88 -6.32 12.48
N GLY B 220 -3.63 -6.56 12.07
CA GLY B 220 -2.55 -5.59 12.23
C GLY B 220 -2.87 -4.28 11.50
N HIS B 221 -3.55 -4.39 10.35
CA HIS B 221 -3.96 -3.24 9.56
C HIS B 221 -5.40 -3.42 9.06
N GLY B 222 -6.24 -2.39 9.23
CA GLY B 222 -7.57 -2.41 8.65
C GLY B 222 -8.67 -2.87 9.62
N LEU B 223 -9.80 -3.25 9.00
CA LEU B 223 -11.09 -3.33 9.66
C LEU B 223 -11.15 -4.57 10.54
N PRO B 224 -11.60 -4.44 11.81
CA PRO B 224 -11.97 -5.61 12.61
C PRO B 224 -13.10 -6.42 11.98
N GLY B 225 -13.14 -7.72 12.30
CA GLY B 225 -14.28 -8.57 12.02
C GLY B 225 -14.38 -9.74 12.99
N GLY B 226 -14.76 -10.91 12.45
CA GLY B 226 -14.92 -12.12 13.23
C GLY B 226 -13.76 -13.08 13.02
N LEU B 227 -13.98 -14.36 13.37
CA LEU B 227 -13.03 -15.44 13.13
C LEU B 227 -12.83 -15.70 11.62
N ASP B 228 -13.69 -15.14 10.76
CA ASP B 228 -13.50 -15.15 9.31
C ASP B 228 -12.16 -14.52 8.86
N LEU B 229 -11.64 -13.50 9.57
CA LEU B 229 -10.34 -12.92 9.21
C LEU B 229 -9.25 -14.00 9.30
N LEU B 230 -9.40 -14.92 10.25
CA LEU B 230 -8.43 -15.99 10.47
C LEU B 230 -8.39 -16.91 9.25
N GLN B 231 -9.58 -17.28 8.75
CA GLN B 231 -9.70 -18.16 7.60
C GLN B 231 -9.23 -17.41 6.36
N HIS B 232 -9.74 -16.18 6.18
CA HIS B 232 -9.30 -15.32 5.09
C HIS B 232 -7.77 -15.30 4.99
N THR B 233 -7.09 -15.27 6.15
CA THR B 233 -5.65 -15.14 6.21
C THR B 233 -4.98 -16.42 5.72
N ALA B 234 -5.49 -17.58 6.16
CA ALA B 234 -4.94 -18.87 5.78
C ALA B 234 -5.06 -19.07 4.27
N ASN B 235 -6.21 -18.65 3.71
CA ASN B 235 -6.51 -18.72 2.28
C ASN B 235 -5.55 -17.86 1.48
N VAL B 236 -5.48 -16.56 1.81
CA VAL B 236 -4.58 -15.62 1.14
C VAL B 236 -3.16 -16.22 1.12
N VAL B 237 -2.71 -16.73 2.27
CA VAL B 237 -1.35 -17.27 2.43
C VAL B 237 -1.23 -18.58 1.65
N LYS B 238 -2.32 -19.36 1.56
CA LYS B 238 -2.42 -20.45 0.60
C LYS B 238 -2.82 -19.89 -0.78
CAC FLC C . 0.30 -1.68 -8.33
CA FLC C . -1.17 -1.72 -7.97
CB FLC C . -2.19 -1.45 -9.09
CBC FLC C . -1.87 -2.29 -10.36
CG FLC C . -3.58 -1.87 -8.57
CGC FLC C . -4.75 -1.71 -9.53
OA1 FLC C . 0.65 -1.18 -9.43
OA2 FLC C . 1.11 -2.15 -7.48
OB1 FLC C . -1.64 -1.65 -11.41
OB2 FLC C . -1.93 -3.55 -10.25
OG1 FLC C . -4.61 -0.91 -10.47
OG2 FLC C . -5.83 -2.36 -9.30
OHB FLC C . -2.19 -0.05 -9.42
ZN ZN D . -1.43 -2.80 -12.88
ZN ZN E . -0.48 0.34 -10.71
C1 GOL F . 4.09 20.08 -26.83
O1 GOL F . 4.30 21.26 -26.08
C2 GOL F . 5.20 19.07 -26.60
O2 GOL F . 5.67 18.99 -25.26
C3 GOL F . 4.85 17.69 -27.08
O3 GOL F . 5.79 17.34 -28.09
C1 GOL G . -13.23 16.29 -22.24
O1 GOL G . -13.16 17.00 -20.99
C2 GOL G . -13.31 17.26 -23.39
O2 GOL G . -13.09 16.63 -24.66
C3 GOL G . -12.33 18.40 -23.20
O3 GOL G . -11.22 18.00 -22.42
C1 GOL H . -1.89 11.19 -35.28
O1 GOL H . -1.75 12.27 -34.36
C2 GOL H . -1.51 9.86 -34.65
O2 GOL H . -2.60 8.95 -34.72
C3 GOL H . -0.30 9.19 -35.28
O3 GOL H . 0.86 10.01 -35.27
C1 GOL I . 4.74 8.14 -0.09
O1 GOL I . 5.27 6.95 -0.67
C2 GOL I . 3.30 7.99 0.33
O2 GOL I . 2.94 9.04 1.23
C3 GOL I . 2.32 7.93 -0.83
O3 GOL I . 2.08 9.21 -1.45
CAC FLC J . 2.53 -4.90 6.46
CA FLC J . 3.55 -3.78 6.44
CB FLC J . 4.29 -3.42 7.75
CBC FLC J . 4.89 -4.68 8.42
CG FLC J . 5.44 -2.45 7.42
CGC FLC J . 6.36 -2.04 8.57
OA1 FLC J . 2.01 -5.26 5.35
OA2 FLC J . 2.24 -5.42 7.55
OB1 FLC J . 5.66 -5.42 7.71
OB2 FLC J . 4.60 -4.88 9.66
OG1 FLC J . 7.52 -1.64 8.30
OG2 FLC J . 5.91 -2.07 9.74
OHB FLC J . 3.40 -2.79 8.65
ZN ZN K . 5.55 -6.41 10.35
ZN ZN L . 2.27 -4.36 9.66
C1 GOL M . -12.79 -3.79 31.35
O1 GOL M . -11.97 -2.75 31.86
C2 GOL M . -11.99 -4.90 30.67
O2 GOL M . -12.18 -4.80 29.25
C3 GOL M . -10.51 -4.92 30.96
O3 GOL M . -10.02 -6.25 30.79
C1 GOL N . 2.48 7.95 31.21
O1 GOL N . 1.83 7.38 32.35
C2 GOL N . 1.57 7.94 30.00
O2 GOL N . 0.24 8.30 30.39
C3 GOL N . 2.07 8.85 28.90
O3 GOL N . 1.05 9.74 28.44
#